data_4N4B
#
_entry.id   4N4B
#
_cell.length_a   102.410
_cell.length_b   66.830
_cell.length_c   60.570
_cell.angle_alpha   90.00
_cell.angle_beta   117.39
_cell.angle_gamma   90.00
#
_symmetry.space_group_name_H-M   'C 1 2 1'
#
loop_
_entity.id
_entity.type
_entity.pdbx_description
1 polymer 'GH62 arabinofuranosidase'
2 non-polymer 'CALCIUM ION'
3 non-polymer '4-(2-HYDROXYETHYL)-1-PIPERAZINE ETHANESULFONIC ACID'
4 non-polymer 2-AMINO-2-HYDROXYMETHYL-PROPANE-1,3-DIOL
5 non-polymer 'PENTAETHYLENE GLYCOL'
6 water water
#
_entity_poly.entity_id   1
_entity_poly.type   'polypeptide(L)'
_entity_poly.pdbx_seq_one_letter_code
;SSLPAGRDVSIVQLSNQPPSDLPTTWQWTSTGPLVGPKNDGRGIAGIKDPTIILINGTHHVFASTAQSAGYNLVYFTFAD
WADAPNATFYYLDQAPLGTGYRAAPQVFWFAPHKLWYLVYQNGNAAYSTNPDINNPKGWTAPKVFYPDGMPKIIEQNIGE
GYWVDMWVICDSASCHLFSSDDNGQLYRSETSLEQFPNGMSQPVIAMQDNRNDLFEAACVYSLPDGKYLLLVEAIGTDGH
RWFRSWTADSIRGPWQGLANTEQNPWARSNNVQFDGDVWTKSISHGEIIRDGTVDEKLLIDPCNIRFMYQGMDPSAGGEY
NALPWRLGFIAHNNPACGLEQKLISEEDLNSAVDHHHHHH
;
_entity_poly.pdbx_strand_id   A
#
# COMPACT_ATOMS: atom_id res chain seq x y z
N PRO A 19 -6.79 11.47 -17.57
CA PRO A 19 -7.40 10.16 -17.97
C PRO A 19 -8.92 10.17 -18.04
N SER A 20 -9.47 9.65 -19.12
CA SER A 20 -10.91 9.81 -19.35
C SER A 20 -11.77 9.00 -18.40
N ASP A 21 -11.26 7.90 -17.90
CA ASP A 21 -12.17 7.06 -17.12
C ASP A 21 -12.00 7.24 -15.60
N LEU A 22 -11.40 8.34 -15.19
CA LEU A 22 -11.31 8.71 -13.77
C LEU A 22 -12.02 10.00 -13.57
N PRO A 23 -12.89 10.09 -12.50
CA PRO A 23 -13.48 11.40 -12.19
C PRO A 23 -12.45 12.29 -11.55
N THR A 24 -12.67 13.60 -11.62
CA THR A 24 -11.91 14.55 -10.84
C THR A 24 -12.41 14.70 -9.36
N THR A 25 -13.69 14.36 -9.08
CA THR A 25 -14.19 14.26 -7.66
C THR A 25 -14.59 12.79 -7.42
N TRP A 26 -14.41 12.40 -6.16
CA TRP A 26 -14.56 11.01 -5.76
C TRP A 26 -15.56 10.90 -4.60
N GLN A 27 -16.30 9.79 -4.63
CA GLN A 27 -17.26 9.44 -3.58
CA GLN A 27 -17.23 9.42 -3.57
C GLN A 27 -17.18 7.98 -3.30
N TRP A 28 -17.32 7.60 -2.03
CA TRP A 28 -17.16 6.23 -1.53
C TRP A 28 -18.21 5.79 -0.56
N THR A 29 -18.43 4.50 -0.52
CA THR A 29 -19.19 3.83 0.55
C THR A 29 -18.21 2.92 1.28
N SER A 30 -18.19 2.95 2.61
CA SER A 30 -17.33 2.09 3.45
C SER A 30 -18.08 0.93 4.15
N THR A 31 -17.41 -0.17 4.27
CA THR A 31 -17.81 -1.24 5.22
C THR A 31 -17.51 -0.81 6.66
N GLY A 32 -17.94 -1.66 7.59
CA GLY A 32 -17.48 -1.57 8.95
C GLY A 32 -16.05 -2.12 9.03
N PRO A 33 -15.46 -2.19 10.23
CA PRO A 33 -14.16 -2.72 10.46
C PRO A 33 -14.26 -4.22 10.35
N LEU A 34 -13.65 -4.81 9.41
CA LEU A 34 -13.77 -6.25 9.13
C LEU A 34 -12.63 -7.02 9.70
N VAL A 35 -11.40 -6.56 9.65
CA VAL A 35 -10.24 -7.34 10.01
C VAL A 35 -9.50 -6.70 11.14
N GLY A 36 -9.28 -7.37 12.20
CA GLY A 36 -8.51 -6.97 13.36
C GLY A 36 -7.67 -8.09 13.91
N PRO A 37 -6.89 -7.82 14.97
CA PRO A 37 -6.03 -8.81 15.64
C PRO A 37 -6.88 -9.93 16.21
N LYS A 38 -6.26 -11.09 16.21
CA LYS A 38 -6.82 -12.33 16.81
C LYS A 38 -6.41 -12.32 18.24
N ASN A 39 -7.26 -13.00 19.04
CA ASN A 39 -6.87 -13.28 20.46
C ASN A 39 -6.07 -14.56 20.57
N ASP A 40 -4.84 -14.47 20.10
CA ASP A 40 -3.99 -15.64 19.89
C ASP A 40 -2.70 -15.62 20.67
N GLY A 41 -2.57 -14.68 21.58
CA GLY A 41 -1.39 -14.62 22.39
C GLY A 41 -0.27 -13.80 21.87
N ARG A 42 -0.34 -13.33 20.59
CA ARG A 42 0.76 -12.59 20.08
C ARG A 42 0.84 -11.12 20.48
N GLY A 43 -0.29 -10.65 20.97
CA GLY A 43 -0.31 -9.25 21.49
C GLY A 43 -0.40 -8.16 20.43
N ILE A 44 -0.82 -8.52 19.20
CA ILE A 44 -0.85 -7.53 18.12
C ILE A 44 -1.94 -6.51 18.46
N ALA A 45 -1.62 -5.24 18.21
CA ALA A 45 -2.55 -4.10 18.45
C ALA A 45 -3.33 -3.74 17.20
N GLY A 46 -2.62 -3.73 16.05
CA GLY A 46 -3.18 -3.28 14.81
C GLY A 46 -2.88 -4.23 13.65
N ILE A 47 -3.84 -4.30 12.73
CA ILE A 47 -3.61 -4.94 11.40
C ILE A 47 -3.70 -3.85 10.42
N LYS A 48 -2.69 -3.75 9.53
CA LYS A 48 -2.36 -2.47 8.90
C LYS A 48 -1.89 -2.69 7.48
N ASP A 49 -1.91 -1.64 6.70
CA ASP A 49 -1.13 -1.44 5.47
C ASP A 49 -1.33 -2.59 4.43
N PRO A 50 -2.57 -2.91 4.14
CA PRO A 50 -2.78 -4.13 3.27
C PRO A 50 -2.35 -3.99 1.84
N THR A 51 -1.95 -5.12 1.30
CA THR A 51 -1.88 -5.35 -0.19
C THR A 51 -2.87 -6.42 -0.45
N ILE A 52 -3.61 -6.25 -1.58
CA ILE A 52 -4.73 -7.19 -1.87
C ILE A 52 -4.88 -7.38 -3.37
N ILE A 53 -5.07 -8.64 -3.70
CA ILE A 53 -5.37 -9.10 -5.08
C ILE A 53 -6.49 -10.08 -4.99
N LEU A 54 -7.16 -10.21 -6.16
CA LEU A 54 -8.35 -11.04 -6.36
C LEU A 54 -8.08 -11.95 -7.54
N ILE A 55 -8.16 -13.24 -7.30
CA ILE A 55 -7.91 -14.28 -8.37
C ILE A 55 -9.16 -15.18 -8.37
N ASN A 56 -9.94 -15.01 -9.42
CA ASN A 56 -11.14 -15.84 -9.65
CA ASN A 56 -11.15 -15.83 -9.63
C ASN A 56 -12.02 -16.00 -8.40
N GLY A 57 -12.33 -14.90 -7.75
CA GLY A 57 -13.21 -14.94 -6.60
C GLY A 57 -12.54 -15.07 -5.24
N THR A 58 -11.24 -15.36 -5.24
CA THR A 58 -10.52 -15.54 -4.01
C THR A 58 -9.58 -14.23 -3.85
N HIS A 59 -9.80 -13.59 -2.68
CA HIS A 59 -8.89 -12.48 -2.28
C HIS A 59 -7.73 -13.02 -1.49
N HIS A 60 -6.57 -12.47 -1.78
CA HIS A 60 -5.33 -12.73 -1.08
C HIS A 60 -4.83 -11.41 -0.51
N VAL A 61 -4.61 -11.41 0.81
CA VAL A 61 -4.15 -10.19 1.53
C VAL A 61 -2.95 -10.47 2.25
N PHE A 62 -2.01 -9.47 2.21
CA PHE A 62 -0.89 -9.42 3.14
C PHE A 62 -0.97 -8.07 3.87
N ALA A 63 -0.61 -8.13 5.17
CA ALA A 63 -0.74 -6.92 5.98
C ALA A 63 0.37 -6.91 7.00
N SER A 64 0.65 -5.68 7.51
CA SER A 64 1.50 -5.49 8.69
C SER A 64 0.74 -5.96 9.97
N THR A 65 1.52 -6.56 10.88
CA THR A 65 1.12 -6.72 12.29
C THR A 65 1.87 -5.65 13.01
N ALA A 66 1.16 -4.89 13.86
CA ALA A 66 1.72 -3.71 14.58
C ALA A 66 1.46 -3.86 16.10
N GLN A 67 2.54 -3.65 16.88
CA GLN A 67 2.40 -3.55 18.35
C GLN A 67 3.65 -2.77 18.75
N SER A 68 3.68 -2.39 20.06
CA SER A 68 4.84 -1.55 20.40
CA SER A 68 4.76 -1.68 20.67
C SER A 68 6.12 -2.33 20.42
N ALA A 69 6.11 -3.64 20.54
CA ALA A 69 7.35 -4.41 20.34
C ALA A 69 7.82 -4.59 18.90
N GLY A 70 7.03 -4.30 17.91
CA GLY A 70 7.54 -4.42 16.58
C GLY A 70 6.47 -4.72 15.57
N TYR A 71 6.96 -4.87 14.35
CA TYR A 71 6.15 -5.09 13.16
C TYR A 71 6.63 -6.34 12.43
N ASN A 72 5.66 -7.10 11.95
CA ASN A 72 5.93 -8.18 11.04
C ASN A 72 4.73 -8.31 10.08
N LEU A 73 4.66 -9.46 9.41
CA LEU A 73 3.72 -9.63 8.31
C LEU A 73 2.75 -10.79 8.47
N VAL A 74 1.54 -10.62 7.95
CA VAL A 74 0.55 -11.69 8.01
C VAL A 74 -0.12 -11.84 6.65
N TYR A 75 -0.50 -13.09 6.33
CA TYR A 75 -1.29 -13.44 5.11
C TYR A 75 -2.65 -13.98 5.52
N PHE A 76 -3.65 -13.60 4.82
CA PHE A 76 -4.98 -14.20 4.96
C PHE A 76 -5.72 -14.12 3.68
N THR A 77 -6.84 -14.89 3.57
CA THR A 77 -7.56 -15.08 2.32
C THR A 77 -9.03 -15.34 2.53
N PHE A 78 -9.86 -14.93 1.63
CA PHE A 78 -11.29 -15.08 1.80
C PHE A 78 -11.91 -14.82 0.45
N ALA A 79 -13.07 -15.41 0.25
CA ALA A 79 -13.85 -15.13 -0.93
C ALA A 79 -14.73 -13.88 -0.73
N ASP A 80 -15.96 -14.03 -0.23
CA ASP A 80 -16.80 -12.89 0.08
C ASP A 80 -16.15 -12.05 1.18
N TRP A 81 -16.31 -10.75 1.07
CA TRP A 81 -15.85 -9.85 2.19
C TRP A 81 -16.39 -10.16 3.55
N ALA A 82 -17.61 -10.70 3.59
CA ALA A 82 -18.13 -11.15 4.90
C ALA A 82 -17.38 -12.24 5.56
N ASP A 83 -16.56 -12.99 4.82
CA ASP A 83 -15.78 -14.00 5.39
C ASP A 83 -14.40 -13.44 5.88
N ALA A 84 -14.10 -12.17 5.61
CA ALA A 84 -12.77 -11.63 6.04
C ALA A 84 -12.58 -11.68 7.54
N PRO A 85 -13.65 -11.39 8.38
CA PRO A 85 -13.40 -11.34 9.81
C PRO A 85 -12.97 -12.66 10.39
N ASN A 86 -13.40 -13.78 9.78
CA ASN A 86 -13.03 -15.08 10.33
C ASN A 86 -11.90 -15.75 9.58
N ALA A 87 -11.32 -15.06 8.60
CA ALA A 87 -10.21 -15.65 7.91
C ALA A 87 -9.05 -15.93 8.80
N THR A 88 -8.40 -17.11 8.70
CA THR A 88 -7.26 -17.53 9.45
C THR A 88 -6.03 -16.64 9.11
N PHE A 89 -5.31 -16.28 10.14
CA PHE A 89 -4.08 -15.52 9.94
C PHE A 89 -2.90 -16.50 9.81
N TYR A 90 -2.11 -16.34 8.76
CA TYR A 90 -0.89 -17.08 8.57
C TYR A 90 0.27 -16.12 8.69
N TYR A 91 0.97 -16.22 9.79
CA TYR A 91 2.04 -15.30 10.11
C TYR A 91 3.31 -15.65 9.33
N LEU A 92 3.84 -14.68 8.64
CA LEU A 92 4.97 -14.93 7.76
C LEU A 92 6.29 -15.11 8.48
N ASP A 93 6.29 -14.86 9.78
CA ASP A 93 7.49 -15.21 10.55
C ASP A 93 7.72 -16.70 10.65
N GLN A 94 6.75 -17.52 10.19
CA GLN A 94 6.89 -18.97 10.10
C GLN A 94 7.54 -19.39 8.80
N ALA A 95 7.69 -18.53 7.85
CA ALA A 95 8.44 -18.73 6.62
C ALA A 95 9.92 -18.39 6.84
N PRO A 96 10.74 -18.65 5.84
CA PRO A 96 12.10 -18.16 5.93
C PRO A 96 12.17 -16.66 6.06
N LEU A 97 11.21 -15.96 5.54
CA LEU A 97 11.03 -14.45 5.75
C LEU A 97 11.26 -14.15 7.22
N GLY A 98 10.71 -14.85 8.19
CA GLY A 98 11.18 -14.93 9.54
C GLY A 98 10.83 -13.77 10.41
N THR A 99 11.27 -13.90 11.65
CA THR A 99 11.21 -12.86 12.62
C THR A 99 12.12 -11.70 12.28
N GLY A 100 11.80 -10.59 12.90
CA GLY A 100 12.48 -9.31 12.71
C GLY A 100 11.52 -8.26 12.25
N TYR A 101 12.07 -7.12 11.91
CA TYR A 101 11.27 -6.01 11.42
C TYR A 101 10.90 -6.20 9.97
N ARG A 102 9.60 -6.32 9.70
CA ARG A 102 9.09 -6.31 8.34
C ARG A 102 7.81 -5.62 8.38
N ALA A 103 7.48 -4.71 7.44
CA ALA A 103 6.24 -3.99 7.39
C ALA A 103 5.87 -3.55 6.03
N ALA A 104 4.58 -3.35 5.84
CA ALA A 104 3.96 -2.65 4.71
C ALA A 104 4.25 -3.33 3.38
N PRO A 105 3.63 -4.48 3.16
CA PRO A 105 3.86 -5.34 2.02
C PRO A 105 3.13 -4.90 0.76
N GLN A 106 3.66 -5.39 -0.38
CA GLN A 106 3.08 -5.24 -1.73
C GLN A 106 3.30 -6.57 -2.44
N VAL A 107 2.20 -7.15 -2.94
CA VAL A 107 2.31 -8.42 -3.69
C VAL A 107 1.98 -8.27 -5.15
N PHE A 108 2.74 -8.97 -6.00
CA PHE A 108 2.46 -9.05 -7.44
C PHE A 108 3.17 -10.24 -8.01
N TRP A 109 2.62 -10.70 -9.15
CA TRP A 109 3.31 -11.76 -9.96
C TRP A 109 4.32 -11.11 -10.86
N PHE A 110 5.56 -11.58 -10.83
CA PHE A 110 6.59 -11.01 -11.75
C PHE A 110 6.75 -12.04 -12.88
N ALA A 111 6.08 -11.68 -13.95
CA ALA A 111 5.93 -12.67 -15.07
C ALA A 111 7.28 -13.12 -15.65
N PRO A 112 8.28 -12.31 -15.73
CA PRO A 112 9.59 -12.85 -16.27
C PRO A 112 10.18 -13.94 -15.49
N HIS A 113 9.94 -14.05 -14.17
CA HIS A 113 10.52 -15.03 -13.35
C HIS A 113 9.55 -16.17 -12.94
N LYS A 114 8.30 -16.01 -13.27
CA LYS A 114 7.24 -16.86 -12.84
C LYS A 114 7.30 -17.17 -11.33
N LEU A 115 7.39 -16.03 -10.60
CA LEU A 115 7.43 -15.98 -9.12
C LEU A 115 6.60 -14.80 -8.69
N TRP A 116 5.90 -15.05 -7.55
CA TRP A 116 5.32 -13.91 -6.84
C TRP A 116 6.46 -13.24 -6.06
N TYR A 117 6.33 -11.93 -6.02
CA TYR A 117 7.17 -11.02 -5.20
C TYR A 117 6.33 -10.42 -4.10
N LEU A 118 6.93 -10.30 -2.94
CA LEU A 118 6.43 -9.54 -1.81
C LEU A 118 7.50 -8.49 -1.46
N VAL A 119 7.12 -7.22 -1.69
CA VAL A 119 8.01 -6.07 -1.42
C VAL A 119 7.59 -5.49 -0.11
N TYR A 120 8.54 -5.08 0.71
CA TYR A 120 8.30 -4.59 2.08
C TYR A 120 9.56 -3.93 2.60
N GLN A 121 9.43 -3.35 3.77
CA GLN A 121 10.53 -2.67 4.42
C GLN A 121 11.10 -3.48 5.57
N ASN A 122 12.38 -3.35 5.82
CA ASN A 122 13.03 -4.01 6.92
C ASN A 122 14.13 -3.08 7.53
N GLY A 123 14.01 -1.77 7.27
CA GLY A 123 15.16 -0.84 7.51
C GLY A 123 15.84 -0.48 6.22
N ASN A 124 15.74 -1.38 5.23
CA ASN A 124 16.06 -1.15 3.83
C ASN A 124 14.76 -1.42 3.08
N ALA A 125 14.82 -1.43 1.74
CA ALA A 125 13.76 -1.85 0.84
C ALA A 125 14.04 -3.33 0.53
N ALA A 126 13.13 -4.22 0.85
CA ALA A 126 13.37 -5.65 0.75
C ALA A 126 12.29 -6.32 -0.13
N TYR A 127 12.64 -7.54 -0.52
CA TYR A 127 11.68 -8.41 -1.19
C TYR A 127 11.96 -9.87 -0.82
N SER A 128 10.83 -10.61 -0.91
CA SER A 128 10.80 -12.07 -0.84
C SER A 128 10.12 -12.57 -2.10
N THR A 129 10.37 -13.85 -2.42
CA THR A 129 9.71 -14.53 -3.53
C THR A 129 9.07 -15.83 -3.10
N ASN A 130 8.11 -16.25 -3.94
CA ASN A 130 7.40 -17.52 -3.66
C ASN A 130 6.79 -18.00 -4.97
N PRO A 131 6.96 -19.29 -5.36
CA PRO A 131 6.26 -19.71 -6.56
C PRO A 131 4.75 -19.89 -6.36
N ASP A 132 4.25 -19.98 -5.11
CA ASP A 132 2.82 -20.23 -4.91
C ASP A 132 2.30 -19.32 -3.77
N ILE A 133 1.46 -18.37 -4.19
CA ILE A 133 0.89 -17.39 -3.22
C ILE A 133 0.11 -18.10 -2.14
N ASN A 134 -0.42 -19.31 -2.39
CA ASN A 134 -1.20 -19.98 -1.35
C ASN A 134 -0.39 -20.57 -0.24
N ASN A 135 0.96 -20.57 -0.32
CA ASN A 135 1.81 -21.15 0.66
C ASN A 135 2.47 -19.99 1.51
N PRO A 136 1.93 -19.65 2.63
CA PRO A 136 2.54 -18.56 3.44
C PRO A 136 3.82 -19.03 4.03
N LYS A 137 4.21 -20.29 4.11
CA LYS A 137 5.47 -20.72 4.57
C LYS A 137 6.59 -20.67 3.54
N GLY A 138 6.27 -20.33 2.33
CA GLY A 138 7.20 -20.36 1.22
C GLY A 138 7.98 -19.12 0.94
N TRP A 139 7.72 -18.02 1.65
CA TRP A 139 8.36 -16.74 1.31
C TRP A 139 9.83 -16.77 1.77
N THR A 140 10.69 -16.38 0.86
CA THR A 140 12.13 -16.43 1.14
C THR A 140 12.60 -15.43 2.23
N ALA A 141 13.78 -15.71 2.76
CA ALA A 141 14.41 -14.67 3.57
C ALA A 141 14.61 -13.47 2.71
N PRO A 142 14.52 -12.26 3.31
CA PRO A 142 14.66 -11.02 2.49
C PRO A 142 16.00 -10.89 1.78
N LYS A 143 15.90 -10.32 0.59
CA LYS A 143 17.04 -9.65 -0.10
C LYS A 143 16.68 -8.22 -0.20
N VAL A 144 17.68 -7.32 -0.41
CA VAL A 144 17.46 -5.89 -0.41
C VAL A 144 17.65 -5.29 -1.77
N PHE A 145 16.91 -4.27 -2.12
CA PHE A 145 17.05 -3.53 -3.33
C PHE A 145 18.27 -2.61 -3.33
N TYR A 146 18.73 -2.22 -2.14
CA TYR A 146 19.84 -1.25 -2.02
C TYR A 146 20.90 -1.92 -1.14
N PRO A 147 21.76 -2.83 -1.74
CA PRO A 147 22.72 -3.58 -0.93
C PRO A 147 23.83 -2.79 -0.31
N ASP A 148 23.97 -1.55 -0.70
CA ASP A 148 24.97 -0.65 -0.11
C ASP A 148 24.39 0.19 0.96
N GLY A 149 23.12 -0.01 1.29
CA GLY A 149 22.51 0.71 2.47
C GLY A 149 21.64 1.84 1.94
N MET A 150 21.16 2.65 2.91
CA MET A 150 20.28 3.76 2.58
C MET A 150 20.93 4.72 1.61
N PRO A 151 20.30 5.05 0.48
CA PRO A 151 20.88 6.05 -0.51
C PRO A 151 21.18 7.37 0.16
N LYS A 152 22.29 7.97 -0.30
CA LYS A 152 22.67 9.28 0.28
C LYS A 152 21.59 10.31 0.12
N ILE A 153 20.86 10.34 -0.99
CA ILE A 153 19.81 11.30 -1.19
C ILE A 153 18.72 11.20 -0.10
N ILE A 154 18.42 9.97 0.35
CA ILE A 154 17.42 9.80 1.38
C ILE A 154 18.06 10.19 2.70
N GLU A 155 19.31 9.83 3.01
CA GLU A 155 19.96 10.26 4.27
C GLU A 155 19.96 11.80 4.32
N GLN A 156 20.15 12.47 3.20
CA GLN A 156 20.29 13.95 3.22
C GLN A 156 18.95 14.61 3.47
N ASN A 157 17.79 13.92 3.22
CA ASN A 157 16.52 14.57 3.20
C ASN A 157 15.55 14.04 4.26
N ILE A 158 15.89 12.93 4.89
CA ILE A 158 14.94 12.21 5.81
C ILE A 158 14.63 12.97 7.12
N GLY A 159 15.60 13.78 7.57
CA GLY A 159 15.29 14.58 8.76
C GLY A 159 15.08 13.66 9.92
N GLU A 160 13.99 13.77 10.70
CA GLU A 160 13.67 12.91 11.82
C GLU A 160 12.67 11.78 11.42
N GLY A 161 12.60 11.58 10.08
CA GLY A 161 11.66 10.54 9.52
C GLY A 161 12.28 9.15 9.51
N TYR A 162 11.61 8.30 8.69
CA TYR A 162 11.81 6.85 8.66
C TYR A 162 11.55 6.45 7.16
N TRP A 163 12.39 5.54 6.69
CA TRP A 163 12.34 5.06 5.34
C TRP A 163 11.33 3.90 5.24
N VAL A 164 10.26 4.17 4.52
CA VAL A 164 9.05 3.37 4.60
C VAL A 164 8.34 3.25 3.27
N ASP A 165 7.49 2.24 3.21
CA ASP A 165 6.44 2.12 2.23
C ASP A 165 6.91 1.95 0.77
N MET A 166 7.47 0.79 0.54
CA MET A 166 8.13 0.40 -0.69
C MET A 166 7.13 -0.10 -1.74
N TRP A 167 7.27 0.39 -2.94
CA TRP A 167 6.29 0.09 -3.99
C TRP A 167 6.97 -0.09 -5.33
N VAL A 168 6.79 -1.23 -5.98
CA VAL A 168 7.30 -1.46 -7.36
C VAL A 168 6.18 -1.38 -8.32
N ILE A 169 6.50 -0.78 -9.47
CA ILE A 169 5.65 -0.83 -10.67
C ILE A 169 6.61 -0.88 -11.90
N CYS A 170 6.28 -1.81 -12.82
CA CYS A 170 7.06 -1.91 -14.09
C CYS A 170 6.19 -1.61 -15.25
N ASP A 171 6.84 -1.13 -16.32
CA ASP A 171 6.18 -1.15 -17.67
C ASP A 171 6.89 -2.22 -18.42
N SER A 172 6.81 -2.20 -19.77
CA SER A 172 7.39 -3.35 -20.46
C SER A 172 8.93 -3.20 -20.70
N ALA A 173 9.47 -2.05 -20.33
CA ALA A 173 10.91 -1.83 -20.33
C ALA A 173 11.72 -1.73 -19.00
N SER A 174 11.02 -1.12 -17.99
CA SER A 174 11.70 -0.69 -16.80
C SER A 174 10.80 -0.95 -15.57
N CYS A 175 11.50 -1.23 -14.45
CA CYS A 175 10.84 -1.39 -13.14
C CYS A 175 11.31 -0.31 -12.22
N HIS A 176 10.34 0.31 -11.55
CA HIS A 176 10.55 1.47 -10.67
C HIS A 176 10.18 1.10 -9.22
N LEU A 177 10.94 1.62 -8.32
CA LEU A 177 10.80 1.40 -6.88
C LEU A 177 10.65 2.73 -6.21
N PHE A 178 9.47 2.93 -5.65
CA PHE A 178 9.06 4.13 -4.93
C PHE A 178 9.19 3.94 -3.43
N SER A 179 9.48 4.97 -2.65
CA SER A 179 9.55 4.90 -1.20
C SER A 179 9.44 6.26 -0.62
N SER A 180 9.11 6.37 0.65
CA SER A 180 8.87 7.63 1.33
C SER A 180 9.81 7.68 2.54
N ASP A 181 9.94 8.91 3.04
CA ASP A 181 10.77 9.18 4.25
C ASP A 181 10.04 9.74 5.45
N ASP A 182 8.73 9.85 5.38
CA ASP A 182 7.95 10.46 6.45
C ASP A 182 8.40 11.90 6.69
N ASN A 183 8.95 12.50 5.63
CA ASN A 183 9.47 13.90 5.70
C ASN A 183 9.14 14.67 4.53
N GLY A 184 8.23 14.23 3.69
CA GLY A 184 7.74 14.97 2.56
C GLY A 184 8.36 14.69 1.23
N GLN A 185 9.25 13.67 1.19
CA GLN A 185 9.78 13.25 -0.11
C GLN A 185 9.17 11.92 -0.54
N LEU A 186 8.97 11.78 -1.81
CA LEU A 186 8.65 10.54 -2.50
C LEU A 186 9.81 10.24 -3.41
N TYR A 187 10.51 9.10 -3.22
CA TYR A 187 11.71 8.70 -3.98
C TYR A 187 11.36 7.69 -5.05
N ARG A 188 12.07 7.72 -6.17
CA ARG A 188 11.92 6.72 -7.22
C ARG A 188 13.31 6.24 -7.78
N SER A 189 13.53 4.93 -7.78
CA SER A 189 14.66 4.33 -8.45
C SER A 189 14.15 3.47 -9.59
N GLU A 190 15.04 3.08 -10.50
CA GLU A 190 14.62 2.20 -11.61
C GLU A 190 15.76 1.25 -11.92
N THR A 191 15.30 0.22 -12.66
CA THR A 191 16.20 -0.77 -13.31
C THR A 191 15.48 -1.30 -14.50
N SER A 192 16.22 -1.97 -15.41
CA SER A 192 15.49 -2.57 -16.48
C SER A 192 14.66 -3.75 -16.06
N LEU A 193 13.65 -4.07 -16.86
CA LEU A 193 12.80 -5.20 -16.68
C LEU A 193 13.61 -6.47 -16.53
N GLU A 194 14.63 -6.61 -17.40
CA GLU A 194 15.44 -7.77 -17.43
C GLU A 194 16.39 -7.94 -16.28
N GLN A 195 16.71 -6.84 -15.59
N GLN A 195 16.77 -6.83 -15.60
CA GLN A 195 17.61 -6.86 -14.47
CA GLN A 195 17.67 -6.89 -14.41
C GLN A 195 16.88 -7.03 -13.10
C GLN A 195 16.88 -7.02 -13.08
N PHE A 196 15.62 -6.63 -13.09
CA PHE A 196 14.82 -6.67 -11.84
C PHE A 196 14.97 -8.01 -11.17
N PRO A 197 15.19 -8.09 -9.85
CA PRO A 197 15.19 -7.00 -8.87
C PRO A 197 16.49 -6.28 -8.69
N ASN A 198 17.55 -6.67 -9.40
CA ASN A 198 18.84 -6.10 -9.29
C ASN A 198 19.07 -4.79 -10.05
N GLY A 199 20.10 -4.08 -9.62
CA GLY A 199 20.49 -2.88 -10.37
C GLY A 199 19.75 -1.61 -10.13
N MET A 200 18.88 -1.52 -9.08
CA MET A 200 18.17 -0.29 -8.88
C MET A 200 19.13 0.93 -8.80
N SER A 201 18.74 1.97 -9.52
CA SER A 201 19.52 3.21 -9.53
C SER A 201 19.48 3.85 -8.13
N GLN A 202 20.37 4.79 -7.87
CA GLN A 202 20.19 5.70 -6.74
C GLN A 202 18.92 6.55 -7.08
N PRO A 203 18.00 6.70 -6.10
CA PRO A 203 16.73 7.33 -6.35
C PRO A 203 16.90 8.82 -6.66
N VAL A 204 15.89 9.29 -7.35
CA VAL A 204 15.61 10.70 -7.53
C VAL A 204 14.45 11.05 -6.65
N ILE A 205 14.27 12.29 -6.30
CA ILE A 205 13.05 12.79 -5.69
C ILE A 205 12.01 12.94 -6.73
N ALA A 206 10.99 12.06 -6.72
CA ALA A 206 9.90 12.06 -7.65
C ALA A 206 8.89 13.18 -7.40
N MET A 207 8.67 13.45 -6.12
CA MET A 207 7.77 14.52 -5.73
CA MET A 207 7.70 14.45 -5.66
C MET A 207 8.15 14.91 -4.31
N GLN A 208 7.91 16.18 -3.98
CA GLN A 208 8.26 16.71 -2.69
C GLN A 208 7.24 17.74 -2.24
N ASP A 209 6.95 17.75 -0.97
CA ASP A 209 5.94 18.66 -0.34
C ASP A 209 6.30 18.74 1.06
N ASN A 210 5.58 19.54 1.87
CA ASN A 210 5.69 19.45 3.27
C ASN A 210 5.29 18.08 3.79
N ARG A 211 5.87 17.63 4.86
CA ARG A 211 5.73 16.22 5.30
CA ARG A 211 5.75 16.28 5.40
C ARG A 211 4.30 15.85 5.45
N ASN A 212 3.43 16.62 6.02
CA ASN A 212 2.05 16.21 6.17
C ASN A 212 1.29 16.12 4.93
N ASP A 213 1.69 16.80 3.86
CA ASP A 213 1.00 16.74 2.62
C ASP A 213 1.48 15.56 1.66
N LEU A 214 2.59 14.94 1.97
CA LEU A 214 3.09 13.91 1.12
C LEU A 214 3.82 12.90 2.00
N PHE A 215 3.06 12.25 2.85
CA PHE A 215 3.65 11.63 4.01
C PHE A 215 4.21 10.20 3.77
N GLU A 216 3.32 9.30 3.35
CA GLU A 216 3.70 7.87 3.20
C GLU A 216 2.63 7.21 2.43
N ALA A 217 2.81 5.86 2.35
CA ALA A 217 1.80 4.92 1.82
C ALA A 217 1.47 5.13 0.37
N ALA A 218 2.48 5.38 -0.46
CA ALA A 218 2.25 5.57 -1.90
C ALA A 218 1.69 4.31 -2.54
N CYS A 219 0.84 4.54 -3.54
CA CYS A 219 0.46 3.56 -4.55
C CYS A 219 0.65 4.14 -5.94
N VAL A 220 1.24 3.38 -6.84
CA VAL A 220 1.38 3.79 -8.29
C VAL A 220 0.76 2.68 -9.13
N TYR A 221 -0.27 3.02 -9.87
CA TYR A 221 -0.99 2.07 -10.69
C TYR A 221 -0.96 2.47 -12.17
N SER A 222 -1.07 1.46 -13.00
CA SER A 222 -1.34 1.72 -14.41
C SER A 222 -2.82 1.60 -14.69
N LEU A 223 -3.24 2.38 -15.74
CA LEU A 223 -4.62 2.49 -16.16
C LEU A 223 -4.79 1.89 -17.55
N PRO A 224 -5.95 1.39 -17.87
CA PRO A 224 -6.16 0.80 -19.23
C PRO A 224 -5.90 1.82 -20.34
N ASP A 225 -6.03 3.11 -20.18
CA ASP A 225 -5.68 4.04 -21.23
C ASP A 225 -4.22 4.36 -21.37
N GLY A 226 -3.32 3.72 -20.60
CA GLY A 226 -1.87 3.85 -20.65
C GLY A 226 -1.30 4.99 -19.75
N LYS A 227 -2.18 5.64 -19.02
CA LYS A 227 -1.69 6.59 -18.02
C LYS A 227 -1.51 5.88 -16.64
N TYR A 228 -1.05 6.70 -15.69
CA TYR A 228 -0.66 6.19 -14.35
C TYR A 228 -1.39 7.04 -13.35
N LEU A 229 -1.66 6.41 -12.20
CA LEU A 229 -2.37 7.03 -10.99
C LEU A 229 -1.40 6.91 -9.80
N LEU A 230 -1.19 8.01 -9.12
CA LEU A 230 -0.37 8.06 -7.93
C LEU A 230 -1.33 8.47 -6.83
N LEU A 231 -1.28 7.68 -5.74
CA LEU A 231 -1.95 7.98 -4.44
C LEU A 231 -0.90 8.08 -3.36
N VAL A 232 -1.02 9.10 -2.50
CA VAL A 232 -0.20 9.28 -1.33
C VAL A 232 -1.03 9.69 -0.14
N GLU A 233 -0.68 9.11 1.04
CA GLU A 233 -1.37 9.44 2.29
C GLU A 233 -0.79 10.75 2.83
N ALA A 234 -1.73 11.51 3.39
CA ALA A 234 -1.45 12.79 4.01
C ALA A 234 -2.11 12.88 5.39
N ILE A 235 -1.69 13.88 6.18
CA ILE A 235 -2.20 14.15 7.54
C ILE A 235 -2.91 15.48 7.44
N GLY A 236 -4.20 15.55 7.62
CA GLY A 236 -4.97 16.77 7.39
C GLY A 236 -4.81 17.74 8.58
N THR A 237 -5.34 18.94 8.30
CA THR A 237 -5.38 19.97 9.38
C THR A 237 -6.11 19.52 10.61
N ASP A 238 -7.09 18.62 10.48
CA ASP A 238 -7.75 17.99 11.61
C ASP A 238 -6.99 16.86 12.27
N GLY A 239 -5.82 16.50 11.73
CA GLY A 239 -5.06 15.44 12.32
C GLY A 239 -5.33 14.08 11.73
N HIS A 240 -6.33 13.96 10.93
CA HIS A 240 -6.72 12.60 10.42
C HIS A 240 -6.13 12.36 9.06
N ARG A 241 -5.87 11.07 8.80
CA ARG A 241 -5.26 10.61 7.57
C ARG A 241 -6.25 10.67 6.39
N TRP A 242 -5.73 10.95 5.22
CA TRP A 242 -6.48 11.00 4.00
C TRP A 242 -5.56 10.74 2.81
N PHE A 243 -6.13 10.57 1.64
CA PHE A 243 -5.39 10.29 0.41
C PHE A 243 -5.55 11.44 -0.59
N ARG A 244 -4.39 11.72 -1.21
CA ARG A 244 -4.28 12.63 -2.36
C ARG A 244 -3.89 11.82 -3.57
N SER A 245 -4.29 12.33 -4.75
CA SER A 245 -4.11 11.65 -6.04
C SER A 245 -3.65 12.59 -7.17
N TRP A 246 -2.91 11.96 -8.05
CA TRP A 246 -2.34 12.63 -9.26
C TRP A 246 -2.37 11.61 -10.37
N THR A 247 -2.31 12.12 -11.60
CA THR A 247 -2.10 11.28 -12.78
C THR A 247 -0.89 11.73 -13.64
N ALA A 248 -0.42 10.81 -14.47
CA ALA A 248 0.70 11.08 -15.34
C ALA A 248 0.68 10.18 -16.56
N ASP A 249 1.41 10.61 -17.58
CA ASP A 249 1.66 9.81 -18.75
C ASP A 249 2.84 8.89 -18.62
N SER A 250 3.66 9.12 -17.62
CA SER A 250 4.84 8.28 -17.36
C SER A 250 4.96 8.00 -15.86
N ILE A 251 5.48 6.82 -15.54
CA ILE A 251 5.85 6.48 -14.17
C ILE A 251 6.83 7.52 -13.58
N ARG A 252 7.60 8.14 -14.44
CA ARG A 252 8.55 9.13 -14.08
C ARG A 252 7.98 10.53 -13.87
N GLY A 253 6.68 10.70 -14.06
CA GLY A 253 6.09 12.01 -14.00
C GLY A 253 6.31 12.73 -15.35
N PRO A 254 5.88 14.00 -15.44
CA PRO A 254 5.43 14.78 -14.30
C PRO A 254 3.99 14.39 -13.93
N TRP A 255 3.69 14.69 -12.65
CA TRP A 255 2.38 14.36 -12.07
C TRP A 255 1.43 15.58 -12.01
N GLN A 256 0.21 15.39 -12.43
CA GLN A 256 -0.83 16.45 -12.48
C GLN A 256 -1.85 16.09 -11.38
N GLY A 257 -2.30 17.05 -10.61
CA GLY A 257 -3.27 16.78 -9.55
C GLY A 257 -4.52 16.32 -10.12
N LEU A 258 -5.09 15.30 -9.47
CA LEU A 258 -6.39 14.74 -9.75
C LEU A 258 -7.38 15.24 -8.73
N ALA A 259 -7.35 14.62 -7.54
CA ALA A 259 -8.12 15.01 -6.36
C ALA A 259 -7.14 15.02 -5.25
N ASN A 260 -6.58 16.17 -4.89
CA ASN A 260 -5.48 16.24 -3.97
C ASN A 260 -5.56 17.41 -2.98
N THR A 261 -6.79 17.84 -2.73
CA THR A 261 -7.01 18.82 -1.70
C THR A 261 -7.97 18.35 -0.65
N GLU A 262 -8.00 18.93 0.52
CA GLU A 262 -9.00 18.47 1.51
C GLU A 262 -10.41 18.66 1.02
N GLN A 263 -10.69 19.71 0.24
CA GLN A 263 -12.04 19.96 -0.31
C GLN A 263 -12.38 19.05 -1.46
N ASN A 264 -11.32 18.56 -2.16
CA ASN A 264 -11.51 17.64 -3.24
C ASN A 264 -10.49 16.50 -3.13
N PRO A 265 -10.75 15.58 -2.17
CA PRO A 265 -9.79 14.56 -1.80
C PRO A 265 -10.00 13.32 -2.61
N TRP A 266 -8.96 12.52 -2.71
CA TRP A 266 -9.16 11.16 -3.20
C TRP A 266 -10.04 10.30 -2.27
N ALA A 267 -9.64 10.26 -1.00
CA ALA A 267 -10.47 9.59 0.04
C ALA A 267 -10.16 10.25 1.36
N ARG A 268 -11.25 10.65 2.07
CA ARG A 268 -11.15 11.41 3.29
C ARG A 268 -12.50 11.26 3.98
N SER A 269 -12.54 11.69 5.25
CA SER A 269 -13.80 11.65 5.99
C SER A 269 -14.93 12.35 5.25
N ASN A 270 -14.66 13.39 4.50
CA ASN A 270 -15.68 14.13 3.83
C ASN A 270 -16.22 13.57 2.54
N ASN A 271 -15.65 12.46 2.05
CA ASN A 271 -16.23 11.81 0.86
C ASN A 271 -16.43 10.31 1.01
N VAL A 272 -16.49 9.85 2.24
CA VAL A 272 -16.75 8.45 2.56
C VAL A 272 -18.00 8.32 3.42
N GLN A 273 -18.98 7.59 2.89
CA GLN A 273 -20.24 7.32 3.56
C GLN A 273 -20.18 5.95 4.19
N PHE A 274 -20.57 5.86 5.44
CA PHE A 274 -20.60 4.61 6.13
C PHE A 274 -21.97 3.98 6.09
N ASP A 275 -21.99 2.69 5.79
CA ASP A 275 -23.21 1.88 5.71
C ASP A 275 -23.81 1.64 7.11
N GLY A 276 -22.98 1.39 8.07
CA GLY A 276 -23.34 1.43 9.46
C GLY A 276 -22.66 2.54 10.26
N ASP A 277 -22.18 2.24 11.44
CA ASP A 277 -21.52 3.23 12.28
C ASP A 277 -20.27 3.90 11.64
N VAL A 278 -20.06 5.15 11.96
CA VAL A 278 -18.91 5.86 11.44
C VAL A 278 -17.75 5.51 12.37
N TRP A 279 -17.04 4.46 12.03
CA TRP A 279 -16.07 3.84 12.90
C TRP A 279 -14.63 4.45 12.87
N THR A 280 -14.38 5.23 11.84
CA THR A 280 -13.11 5.90 11.65
C THR A 280 -13.33 7.26 10.98
N LYS A 281 -12.45 8.21 11.27
CA LYS A 281 -12.34 9.46 10.54
C LYS A 281 -11.10 9.40 9.64
N SER A 282 -10.05 8.77 10.07
CA SER A 282 -8.85 8.55 9.20
C SER A 282 -9.24 7.55 8.11
N ILE A 283 -8.77 7.82 6.89
CA ILE A 283 -8.72 6.83 5.77
C ILE A 283 -7.26 6.68 5.45
N SER A 284 -6.70 5.59 5.86
CA SER A 284 -5.23 5.46 5.90
C SER A 284 -4.78 4.20 5.11
N HIS A 285 -3.46 4.04 5.04
CA HIS A 285 -2.70 3.09 4.24
C HIS A 285 -3.53 1.91 3.75
N GLY A 286 -3.69 1.84 2.43
CA GLY A 286 -4.45 0.79 1.80
C GLY A 286 -3.98 0.49 0.38
N GLU A 287 -4.84 -0.22 -0.34
CA GLU A 287 -4.54 -0.64 -1.72
C GLU A 287 -5.84 -0.90 -2.46
N ILE A 288 -5.83 -0.59 -3.79
CA ILE A 288 -6.93 -0.97 -4.67
C ILE A 288 -6.92 -2.49 -4.92
N ILE A 289 -8.09 -3.09 -4.90
CA ILE A 289 -8.14 -4.48 -5.19
C ILE A 289 -7.80 -4.72 -6.67
N ARG A 290 -6.72 -5.42 -6.90
CA ARG A 290 -6.33 -5.74 -8.25
C ARG A 290 -6.86 -7.12 -8.62
N ASP A 291 -7.60 -7.11 -9.70
CA ASP A 291 -8.10 -8.34 -10.27
C ASP A 291 -7.51 -8.49 -11.68
N GLY A 292 -8.02 -9.41 -12.44
CA GLY A 292 -7.45 -9.63 -13.72
C GLY A 292 -6.01 -10.00 -13.70
N THR A 293 -5.28 -9.34 -14.55
CA THR A 293 -3.72 -9.57 -14.19
CA THR A 293 -3.72 -9.48 -14.21
C THR A 293 -3.23 -8.85 -12.86
N VAL A 294 -2.52 -9.69 -12.20
CA VAL A 294 -2.03 -9.33 -10.91
C VAL A 294 -0.52 -9.27 -10.98
N ASP A 295 -0.02 -8.87 -12.14
CA ASP A 295 1.39 -8.82 -12.43
C ASP A 295 2.06 -7.45 -12.17
N GLU A 296 3.32 -7.38 -12.55
CA GLU A 296 4.15 -6.25 -12.28
C GLU A 296 3.76 -4.94 -12.92
N LYS A 297 2.81 -4.93 -13.84
CA LYS A 297 2.36 -3.69 -14.37
C LYS A 297 1.34 -2.92 -13.49
N LEU A 298 0.88 -3.61 -12.42
CA LEU A 298 0.01 -2.95 -11.35
C LEU A 298 -1.17 -2.24 -12.01
N LEU A 299 -1.81 -2.96 -12.95
CA LEU A 299 -2.98 -2.47 -13.61
C LEU A 299 -4.22 -2.51 -12.70
N ILE A 300 -5.04 -1.48 -12.75
CA ILE A 300 -6.38 -1.43 -12.08
C ILE A 300 -7.50 -1.28 -13.09
N ASP A 301 -8.73 -1.56 -12.65
CA ASP A 301 -9.93 -1.29 -13.44
C ASP A 301 -10.64 -0.07 -12.86
N PRO A 302 -10.52 1.06 -13.55
CA PRO A 302 -11.05 2.30 -13.09
C PRO A 302 -12.57 2.26 -13.04
N CYS A 303 -13.21 1.27 -13.63
CA CYS A 303 -14.71 1.20 -13.58
C CYS A 303 -15.26 0.51 -12.34
N ASN A 304 -14.35 -0.13 -11.56
CA ASN A 304 -14.78 -0.93 -10.45
CA ASN A 304 -14.75 -0.96 -10.48
C ASN A 304 -13.74 -0.89 -9.32
N ILE A 305 -13.41 0.31 -8.90
CA ILE A 305 -12.40 0.50 -7.83
C ILE A 305 -12.98 0.16 -6.43
N ARG A 306 -12.30 -0.74 -5.73
CA ARG A 306 -12.54 -0.93 -4.31
C ARG A 306 -11.14 -0.89 -3.68
N PHE A 307 -11.09 -0.32 -2.49
CA PHE A 307 -9.81 0.06 -1.84
C PHE A 307 -9.87 -0.50 -0.41
N MET A 308 -9.05 -1.50 -0.07
CA MET A 308 -8.94 -1.98 1.29
C MET A 308 -8.10 -0.96 2.03
N TYR A 309 -8.56 -0.51 3.19
CA TYR A 309 -7.87 0.55 3.95
C TYR A 309 -7.87 0.25 5.39
N GLN A 310 -7.05 1.01 6.11
CA GLN A 310 -7.01 0.95 7.59
C GLN A 310 -7.65 2.21 8.17
N GLY A 311 -8.34 1.93 9.24
CA GLY A 311 -8.95 2.95 10.02
C GLY A 311 -8.88 2.65 11.53
N MET A 312 -9.35 3.57 12.32
CA MET A 312 -9.38 3.40 13.75
C MET A 312 -10.39 4.34 14.40
N ASP A 313 -10.81 3.90 15.57
CA ASP A 313 -11.69 4.74 16.41
C ASP A 313 -11.09 6.12 16.58
N PRO A 314 -11.77 7.18 16.17
CA PRO A 314 -11.09 8.48 16.18
C PRO A 314 -10.96 9.03 17.57
N SER A 315 -11.68 8.44 18.47
CA SER A 315 -11.38 8.86 19.95
CA SER A 315 -11.33 8.92 19.93
C SER A 315 -10.10 8.19 20.63
N ALA A 316 -9.48 7.22 19.97
CA ALA A 316 -8.34 6.55 20.54
C ALA A 316 -7.08 7.37 20.41
N GLY A 317 -6.27 7.25 21.41
CA GLY A 317 -4.95 7.86 21.40
C GLY A 317 -3.90 6.97 22.02
N GLY A 318 -2.76 7.59 22.37
CA GLY A 318 -1.64 6.81 22.83
C GLY A 318 -0.52 6.63 21.85
N GLU A 319 0.37 5.75 22.17
CA GLU A 319 1.56 5.43 21.32
C GLU A 319 1.08 4.94 19.91
N TYR A 320 1.68 5.51 18.91
CA TYR A 320 1.28 5.16 17.55
C TYR A 320 1.30 3.65 17.29
N ASN A 321 2.33 2.99 17.71
CA ASN A 321 2.44 1.56 17.38
C ASN A 321 1.40 0.66 18.05
N ALA A 322 0.72 1.17 19.08
CA ALA A 322 -0.30 0.37 19.75
C ALA A 322 -1.72 0.84 19.43
N LEU A 323 -1.90 1.73 18.44
CA LEU A 323 -3.23 2.18 18.01
C LEU A 323 -4.02 1.08 17.38
N PRO A 324 -5.33 1.08 17.58
CA PRO A 324 -6.20 -0.03 17.22
C PRO A 324 -6.68 0.00 15.76
N TRP A 325 -5.72 -0.09 14.87
CA TRP A 325 -5.99 -0.11 13.45
C TRP A 325 -6.71 -1.41 13.03
N ARG A 326 -7.75 -1.22 12.21
CA ARG A 326 -8.57 -2.27 11.64
C ARG A 326 -8.74 -1.99 10.15
N LEU A 327 -9.03 -3.06 9.42
CA LEU A 327 -9.19 -2.96 7.96
C LEU A 327 -10.64 -3.08 7.55
N GLY A 328 -11.00 -2.23 6.60
CA GLY A 328 -12.26 -2.27 5.91
C GLY A 328 -12.05 -2.02 4.43
N PHE A 329 -13.17 -1.79 3.76
CA PHE A 329 -13.12 -1.47 2.32
C PHE A 329 -13.94 -0.25 2.04
N ILE A 330 -13.47 0.56 1.12
CA ILE A 330 -14.30 1.59 0.44
C ILE A 330 -14.53 1.21 -1.00
N ALA A 331 -15.75 1.36 -1.44
CA ALA A 331 -16.16 1.12 -2.83
C ALA A 331 -16.51 2.40 -3.49
N HIS A 332 -15.95 2.57 -4.69
CA HIS A 332 -16.09 3.82 -5.44
C HIS A 332 -17.48 4.02 -5.99
N ASN A 333 -18.20 5.03 -5.55
CA ASN A 333 -19.61 5.29 -5.87
C ASN A 333 -19.88 5.92 -7.17
N ASN A 334 -18.93 6.67 -7.62
CA ASN A 334 -19.12 7.53 -8.86
C ASN A 334 -18.13 7.21 -9.97
N PRO A 335 -18.13 5.95 -10.43
CA PRO A 335 -17.21 5.56 -11.53
C PRO A 335 -17.56 6.44 -12.79
N ALA A 336 -16.52 6.71 -13.57
CA ALA A 336 -16.61 7.57 -14.78
C ALA A 336 -16.57 6.73 -16.09
N CYS A 337 -16.98 5.47 -16.04
CA CYS A 337 -16.97 4.46 -17.17
C CYS A 337 -17.57 3.14 -16.73
#